data_7B7W
#
_entry.id   7B7W
#
_cell.length_a   60.003
_cell.length_b   72.680
_cell.length_c   78.475
_cell.angle_alpha   90.000
_cell.angle_beta   90.000
_cell.angle_gamma   90.000
#
_symmetry.space_group_name_H-M   'P 21 21 21'
#
loop_
_entity.id
_entity.type
_entity.pdbx_description
1 polymer 'Palmitoleoyl-protein carboxylesterase NOTUM'
2 non-polymer 'SULFATE ION'
3 non-polymer 2-acetamido-2-deoxy-beta-D-glucopyranose
4 non-polymer 1,2-ETHANEDIOL
5 non-polymer "N-ethyl-N'-(5-methyl-1,2-oxazol-3-yl)urea"
6 water water
#
_entity_poly.entity_id   1
_entity_poly.type   'polypeptide(L)'
_entity_poly.pdbx_seq_one_letter_code
;ETGSAQQLNEDLRLHLLLNTSVTCNDGSPAGYYLKESRGSRRWLLFLEGGWYCFNRENCDSRYDTMRRLMSSRDWPRTRT
GTGILSSQPEENPYWWNANMVFIPYCSSDVWSGASSKSEKNEYAFMGALIIQEVVRELLGRGLSGAKVLLLAGSSAGGTG
VLLNVDRVAEQLEKLGYPAIQVRGLADSGWFLDNKQYRHTDCVDTITCAPTEAIRRGIRYWNGVVPERCRRQFQEGEEWN
CFFGYKVYPTLRSPVFVVQWLFDEAQLTVDNVHLTGQPVQEGLRLYIQNLGRELRHTLKDVPASFAPACLSHEIIIRSHW
TDVQVKGTSLPRALHCWDRSLHDSHKASKTPLKGCPVHLVDSCPWPHCNPSCPTGTKHHHHHH
;
_entity_poly.pdbx_strand_id   A
#
loop_
_chem_comp.id
_chem_comp.type
_chem_comp.name
_chem_comp.formula
EDO non-polymer 1,2-ETHANEDIOL 'C2 H6 O2'
JGA non-polymer N-ethyl-N'-(5-methyl-1,2-oxazol-3-yl)urea 'C7 H11 N3 O2'
NAG D-saccharide, beta linking 2-acetamido-2-deoxy-beta-D-glucopyranose 'C8 H15 N O6'
SO4 non-polymer 'SULFATE ION' 'O4 S -2'
#
# COMPACT_ATOMS: atom_id res chain seq x y z
N ASP A 11 -4.30 -14.37 -17.13
CA ASP A 11 -4.30 -12.91 -17.29
C ASP A 11 -5.49 -12.24 -16.62
N LEU A 12 -5.27 -10.98 -16.26
CA LEU A 12 -6.30 -10.08 -15.75
C LEU A 12 -6.70 -9.14 -16.89
N ARG A 13 -8.01 -8.91 -17.06
CA ARG A 13 -8.52 -8.12 -18.18
C ARG A 13 -8.93 -6.72 -17.73
N LEU A 14 -8.60 -5.72 -18.54
CA LEU A 14 -8.86 -4.33 -18.21
C LEU A 14 -10.34 -3.96 -18.38
N HIS A 15 -10.86 -3.22 -17.40
CA HIS A 15 -12.16 -2.56 -17.46
C HIS A 15 -11.96 -1.09 -17.09
N LEU A 16 -12.27 -0.18 -18.02
CA LEU A 16 -12.25 1.24 -17.68
C LEU A 16 -13.55 1.61 -16.97
N LEU A 17 -13.46 2.52 -15.99
CA LEU A 17 -14.62 2.81 -15.17
C LEU A 17 -15.77 3.36 -16.02
N LEU A 18 -16.97 2.86 -15.74
CA LEU A 18 -18.17 3.31 -16.44
C LEU A 18 -18.50 4.75 -16.06
N ASN A 19 -18.18 5.15 -14.84
CA ASN A 19 -18.33 6.54 -14.41
C ASN A 19 -17.05 7.27 -14.81
N THR A 20 -17.08 7.90 -15.97
CA THR A 20 -15.89 8.53 -16.54
C THR A 20 -15.51 9.84 -15.87
N SER A 21 -16.27 10.29 -14.87
CA SER A 21 -15.88 11.45 -14.06
CA SER A 21 -15.87 11.45 -14.07
C SER A 21 -14.82 11.11 -13.02
N VAL A 22 -14.51 9.82 -12.83
CA VAL A 22 -13.47 9.36 -11.93
C VAL A 22 -12.24 9.09 -12.77
N THR A 23 -11.23 9.94 -12.66
CA THR A 23 -10.17 9.99 -13.67
C THR A 23 -8.78 9.87 -13.07
N CYS A 24 -7.85 9.49 -13.94
CA CYS A 24 -6.41 9.62 -13.72
C CYS A 24 -6.02 11.10 -13.72
N ASN A 25 -4.72 11.38 -13.53
CA ASN A 25 -4.26 12.76 -13.40
C ASN A 25 -4.68 13.65 -14.58
N ASP A 26 -4.59 13.12 -15.81
CA ASP A 26 -4.80 13.93 -17.00
C ASP A 26 -6.25 13.91 -17.51
N GLY A 27 -7.18 13.37 -16.73
CA GLY A 27 -8.56 13.35 -17.13
C GLY A 27 -9.04 12.12 -17.87
N SER A 28 -8.14 11.23 -18.27
CA SER A 28 -8.54 9.96 -18.85
C SER A 28 -9.19 9.08 -17.78
N PRO A 29 -10.08 8.17 -18.17
CA PRO A 29 -10.76 7.35 -17.16
C PRO A 29 -9.81 6.42 -16.44
N ALA A 30 -10.05 6.26 -15.14
CA ALA A 30 -9.35 5.24 -14.36
C ALA A 30 -9.98 3.87 -14.64
N GLY A 31 -9.50 2.84 -13.96
CA GLY A 31 -10.00 1.50 -14.23
C GLY A 31 -9.39 0.46 -13.31
N TYR A 32 -9.58 -0.82 -13.70
CA TYR A 32 -9.08 -1.96 -12.94
C TYR A 32 -8.93 -3.15 -13.88
N TYR A 33 -8.06 -4.10 -13.49
CA TYR A 33 -7.87 -5.37 -14.18
C TYR A 33 -8.48 -6.47 -13.32
N LEU A 34 -9.24 -7.38 -13.95
CA LEU A 34 -10.05 -8.36 -13.23
C LEU A 34 -9.86 -9.76 -13.78
N LYS A 35 -9.70 -10.74 -12.90
CA LYS A 35 -9.78 -12.15 -13.25
C LYS A 35 -10.73 -12.82 -12.26
N GLU A 36 -11.88 -13.28 -12.74
CA GLU A 36 -12.88 -13.85 -11.83
C GLU A 36 -12.60 -15.31 -11.54
N SER A 37 -13.12 -15.77 -10.39
CA SER A 37 -13.04 -17.17 -9.98
C SER A 37 -14.44 -17.53 -9.45
N ARG A 38 -15.29 -18.08 -10.32
CA ARG A 38 -16.68 -18.34 -9.95
C ARG A 38 -16.84 -19.27 -8.76
N GLY A 39 -15.84 -20.10 -8.48
CA GLY A 39 -15.95 -20.99 -7.34
C GLY A 39 -15.53 -20.40 -6.01
N SER A 40 -15.33 -19.07 -5.92
CA SER A 40 -14.74 -18.46 -4.73
C SER A 40 -15.56 -17.26 -4.25
N ARG A 41 -15.62 -17.10 -2.92
CA ARG A 41 -16.21 -15.94 -2.29
C ARG A 41 -15.15 -15.02 -1.68
N ARG A 42 -13.89 -15.18 -2.06
CA ARG A 42 -12.80 -14.32 -1.62
C ARG A 42 -12.42 -13.36 -2.75
N TRP A 43 -12.20 -12.09 -2.39
CA TRP A 43 -11.80 -11.05 -3.34
C TRP A 43 -10.55 -10.33 -2.86
N LEU A 44 -9.56 -10.19 -3.74
CA LEU A 44 -8.30 -9.50 -3.47
C LEU A 44 -8.19 -8.27 -4.36
N LEU A 45 -8.17 -7.08 -3.77
CA LEU A 45 -8.02 -5.83 -4.51
C LEU A 45 -6.67 -5.22 -4.17
N PHE A 46 -5.76 -5.18 -5.15
CA PHE A 46 -4.37 -4.75 -4.93
C PHE A 46 -4.15 -3.33 -5.47
N LEU A 47 -3.54 -2.48 -4.64
CA LEU A 47 -3.19 -1.10 -5.00
C LEU A 47 -1.73 -1.03 -5.45
N GLU A 48 -1.50 -0.63 -6.70
CA GLU A 48 -0.14 -0.38 -7.20
C GLU A 48 0.48 0.82 -6.49
N GLY A 49 1.82 0.82 -6.40
CA GLY A 49 2.59 1.93 -5.88
C GLY A 49 3.37 2.65 -6.96
N GLY A 50 4.28 3.54 -6.51
CA GLY A 50 5.11 4.32 -7.41
C GLY A 50 5.31 5.79 -7.06
N TRP A 51 5.69 6.08 -5.82
CA TRP A 51 6.04 7.43 -5.36
C TRP A 51 4.78 8.32 -5.47
N TYR A 52 4.98 9.62 -5.74
CA TYR A 52 3.90 10.60 -5.82
C TYR A 52 4.51 11.91 -6.33
N CYS A 53 3.65 12.88 -6.67
CA CYS A 53 4.13 14.23 -6.97
C CYS A 53 3.30 15.22 -6.17
N PHE A 54 3.87 16.44 -5.94
CA PHE A 54 3.21 17.35 -5.01
C PHE A 54 3.22 18.82 -5.42
N ASN A 55 3.62 19.17 -6.64
CA ASN A 55 3.43 20.53 -7.17
C ASN A 55 3.41 20.46 -8.69
N ARG A 56 3.13 21.60 -9.33
CA ARG A 56 3.01 21.64 -10.79
C ARG A 56 4.29 21.18 -11.48
N GLU A 57 5.43 21.64 -10.99
CA GLU A 57 6.70 21.37 -11.66
C GLU A 57 7.07 19.88 -11.59
N ASN A 58 6.96 19.26 -10.42
CA ASN A 58 7.38 17.87 -10.39
C ASN A 58 6.31 16.92 -10.91
N CYS A 59 5.03 17.33 -10.92
CA CYS A 59 4.02 16.54 -11.63
C CYS A 59 4.21 16.62 -13.15
N ASP A 60 4.59 17.80 -13.67
CA ASP A 60 4.88 17.93 -15.10
C ASP A 60 6.02 17.00 -15.52
N SER A 61 7.07 16.91 -14.69
CA SER A 61 8.18 16.02 -15.03
C SER A 61 7.73 14.56 -15.03
N ARG A 62 6.95 14.17 -14.02
CA ARG A 62 6.37 12.82 -13.98
C ARG A 62 5.54 12.51 -15.21
N TYR A 63 4.82 13.51 -15.75
CA TYR A 63 3.98 13.25 -16.92
C TYR A 63 4.80 12.94 -18.17
N ASP A 64 6.06 13.40 -18.23
CA ASP A 64 6.89 13.13 -19.41
C ASP A 64 7.52 11.75 -19.39
N THR A 65 7.91 11.25 -18.21
CA THR A 65 8.70 10.02 -18.16
C THR A 65 8.08 8.92 -17.31
N MET A 66 6.89 9.15 -16.74
CA MET A 66 6.17 8.15 -15.96
C MET A 66 4.67 8.24 -16.26
N ARG A 67 4.33 8.34 -17.55
CA ARG A 67 2.97 8.71 -17.94
C ARG A 67 1.94 7.63 -17.60
N ARG A 68 2.33 6.36 -17.61
CA ARG A 68 1.38 5.30 -17.23
C ARG A 68 0.89 5.47 -15.80
N LEU A 69 1.67 6.14 -14.95
CA LEU A 69 1.24 6.47 -13.58
C LEU A 69 0.45 7.77 -13.49
N MET A 70 0.06 8.37 -14.63
CA MET A 70 -0.76 9.58 -14.66
C MET A 70 -1.87 9.55 -15.70
N SER A 71 -2.05 8.44 -16.43
CA SER A 71 -2.94 8.40 -17.60
C SER A 71 -3.22 6.94 -17.97
N SER A 72 -4.42 6.69 -18.49
CA SER A 72 -4.79 5.36 -18.95
C SER A 72 -4.74 5.21 -20.47
N ARG A 73 -4.30 6.23 -21.21
CA ARG A 73 -4.46 6.13 -22.65
C ARG A 73 -3.56 5.07 -23.25
N ASP A 74 -2.44 4.74 -22.61
CA ASP A 74 -1.51 3.75 -23.14
C ASP A 74 -1.55 2.42 -22.40
N TRP A 75 -2.55 2.19 -21.55
CA TRP A 75 -2.62 0.95 -20.79
C TRP A 75 -2.84 -0.25 -21.72
N PRO A 76 -2.26 -1.40 -21.40
CA PRO A 76 -2.54 -2.62 -22.17
C PRO A 76 -3.87 -3.26 -21.78
N ARG A 77 -4.40 -4.07 -22.71
CA ARG A 77 -5.69 -4.71 -22.50
C ARG A 77 -5.65 -5.80 -21.43
N THR A 78 -4.47 -6.35 -21.14
CA THR A 78 -4.36 -7.41 -20.15
C THR A 78 -3.08 -7.23 -19.33
N ARG A 79 -3.03 -7.91 -18.19
CA ARG A 79 -1.86 -8.02 -17.33
C ARG A 79 -1.76 -9.44 -16.79
N THR A 80 -0.53 -9.85 -16.48
CA THR A 80 -0.30 -11.16 -15.86
C THR A 80 -0.26 -11.01 -14.36
N GLY A 81 -1.04 -11.84 -13.65
CA GLY A 81 -1.01 -11.82 -12.19
C GLY A 81 0.22 -12.57 -11.70
N THR A 82 0.95 -11.96 -10.77
CA THR A 82 2.17 -12.54 -10.21
C THR A 82 2.15 -12.45 -8.69
N GLY A 83 2.92 -13.32 -8.06
CA GLY A 83 2.96 -13.36 -6.60
C GLY A 83 1.59 -13.65 -6.02
N ILE A 84 1.16 -12.79 -5.10
CA ILE A 84 -0.15 -12.96 -4.46
C ILE A 84 -1.29 -12.82 -5.47
N LEU A 85 -1.04 -12.21 -6.63
CA LEU A 85 -2.04 -12.13 -7.71
C LEU A 85 -1.98 -13.30 -8.70
N SER A 86 -1.14 -14.31 -8.44
CA SER A 86 -1.11 -15.50 -9.29
C SER A 86 -2.25 -16.46 -8.96
N SER A 87 -2.80 -17.10 -10.01
CA SER A 87 -3.84 -18.11 -9.88
C SER A 87 -3.30 -19.53 -9.85
N GLN A 88 -1.95 -19.71 -9.86
CA GLN A 88 -1.31 -21.03 -9.77
C GLN A 88 -0.89 -21.30 -8.33
N PRO A 89 -1.28 -22.43 -7.75
CA PRO A 89 -0.89 -22.70 -6.34
C PRO A 89 0.61 -22.81 -6.16
N GLU A 90 1.33 -23.26 -7.19
CA GLU A 90 2.78 -23.30 -7.13
C GLU A 90 3.38 -21.94 -6.80
N GLU A 91 2.82 -20.87 -7.38
CA GLU A 91 3.34 -19.53 -7.14
C GLU A 91 2.66 -18.83 -5.97
N ASN A 92 1.41 -19.20 -5.66
CA ASN A 92 0.60 -18.49 -4.68
C ASN A 92 -0.07 -19.52 -3.78
N PRO A 93 0.64 -20.00 -2.75
CA PRO A 93 0.02 -20.96 -1.82
C PRO A 93 -1.11 -20.39 -0.98
N TYR A 94 -1.24 -19.06 -0.94
CA TYR A 94 -2.20 -18.40 -0.04
C TYR A 94 -3.60 -18.36 -0.66
N TRP A 95 -3.79 -17.55 -1.71
CA TRP A 95 -5.12 -17.23 -2.23
C TRP A 95 -5.22 -17.49 -3.73
N TRP A 96 -4.66 -18.60 -4.21
CA TRP A 96 -4.59 -18.86 -5.66
C TRP A 96 -5.97 -18.97 -6.30
N ASN A 97 -7.00 -19.37 -5.56
CA ASN A 97 -8.33 -19.55 -6.12
C ASN A 97 -9.24 -18.34 -5.95
N ALA A 98 -8.70 -17.18 -5.56
CA ALA A 98 -9.53 -16.00 -5.30
C ALA A 98 -9.82 -15.23 -6.58
N ASN A 99 -10.87 -14.40 -6.52
CA ASN A 99 -11.08 -13.36 -7.51
C ASN A 99 -10.00 -12.30 -7.36
N MET A 100 -9.35 -11.94 -8.46
CA MET A 100 -8.15 -11.11 -8.46
C MET A 100 -8.42 -9.77 -9.12
N VAL A 101 -8.08 -8.67 -8.43
CA VAL A 101 -8.21 -7.33 -8.99
C VAL A 101 -6.91 -6.56 -8.77
N PHE A 102 -6.38 -5.96 -9.84
CA PHE A 102 -5.22 -5.07 -9.82
C PHE A 102 -5.70 -3.67 -10.22
N ILE A 103 -5.52 -2.69 -9.33
CA ILE A 103 -5.99 -1.33 -9.57
C ILE A 103 -4.77 -0.45 -9.88
N PRO A 104 -4.58 -0.04 -11.14
CA PRO A 104 -3.41 0.80 -11.47
C PRO A 104 -3.42 2.13 -10.73
N TYR A 105 -2.22 2.58 -10.37
CA TYR A 105 -1.99 3.83 -9.65
C TYR A 105 -1.75 4.93 -10.68
N CYS A 106 -2.79 5.73 -10.94
CA CYS A 106 -2.66 6.80 -11.93
C CYS A 106 -3.07 8.16 -11.35
N SER A 107 -2.97 8.33 -10.02
CA SER A 107 -3.38 9.57 -9.37
C SER A 107 -2.27 10.29 -8.60
N SER A 108 -1.10 9.66 -8.39
CA SER A 108 0.11 10.34 -7.88
C SER A 108 -0.11 11.02 -6.54
N ASP A 109 -1.04 10.50 -5.72
CA ASP A 109 -1.50 11.16 -4.49
C ASP A 109 -1.50 10.21 -3.29
N VAL A 110 -0.78 9.10 -3.38
CA VAL A 110 -0.68 8.06 -2.36
C VAL A 110 -2.11 7.56 -2.06
N TRP A 111 -2.97 7.59 -3.08
CA TRP A 111 -4.35 7.08 -3.00
C TRP A 111 -5.22 7.90 -2.03
N SER A 112 -4.90 9.20 -1.84
CA SER A 112 -5.61 10.05 -0.88
C SER A 112 -6.48 11.13 -1.50
N GLY A 113 -6.37 11.38 -2.81
CA GLY A 113 -6.93 12.61 -3.35
C GLY A 113 -8.43 12.56 -3.63
N ALA A 114 -9.04 13.75 -3.63
CA ALA A 114 -10.43 13.92 -4.03
C ALA A 114 -10.62 15.28 -4.70
N SER A 115 -9.94 15.51 -5.83
CA SER A 115 -10.08 16.73 -6.60
C SER A 115 -10.09 16.41 -8.09
N SER A 116 -10.90 17.15 -8.84
CA SER A 116 -11.04 16.96 -10.29
C SER A 116 -10.17 17.95 -11.06
N LYS A 117 -9.83 17.56 -12.29
CA LYS A 117 -9.25 18.50 -13.23
C LYS A 117 -10.28 19.57 -13.58
N SER A 118 -9.86 20.83 -13.60
CA SER A 118 -10.80 21.93 -13.77
C SER A 118 -10.07 23.17 -14.27
N GLU A 119 -10.82 24.28 -14.37
CA GLU A 119 -10.24 25.55 -14.79
C GLU A 119 -9.14 25.99 -13.83
N LYS A 120 -9.18 25.53 -12.58
CA LYS A 120 -8.18 25.90 -11.58
C LYS A 120 -7.18 24.80 -11.26
N ASN A 121 -7.38 23.58 -11.76
CA ASN A 121 -6.51 22.43 -11.47
C ASN A 121 -6.02 21.83 -12.78
N GLU A 122 -4.70 21.89 -13.01
CA GLU A 122 -4.14 21.26 -14.20
C GLU A 122 -4.28 19.75 -14.17
N TYR A 123 -4.24 19.14 -12.99
CA TYR A 123 -4.34 17.70 -12.85
C TYR A 123 -5.47 17.34 -11.89
N ALA A 124 -6.04 16.15 -12.10
CA ALA A 124 -6.98 15.57 -11.16
C ALA A 124 -6.24 14.64 -10.21
N PHE A 125 -6.63 14.66 -8.92
CA PHE A 125 -6.07 13.77 -7.91
C PHE A 125 -7.23 13.06 -7.24
N MET A 126 -7.58 11.87 -7.73
CA MET A 126 -8.79 11.20 -7.23
C MET A 126 -8.54 9.79 -6.71
N GLY A 127 -7.39 9.53 -6.10
CA GLY A 127 -7.08 8.19 -5.60
C GLY A 127 -8.13 7.61 -4.66
N ALA A 128 -8.61 8.41 -3.71
CA ALA A 128 -9.59 7.89 -2.76
C ALA A 128 -10.91 7.56 -3.44
N LEU A 129 -11.30 8.36 -4.43
CA LEU A 129 -12.53 8.13 -5.18
C LEU A 129 -12.39 6.99 -6.18
N ILE A 130 -11.20 6.78 -6.73
CA ILE A 130 -10.97 5.64 -7.62
C ILE A 130 -11.26 4.33 -6.90
N ILE A 131 -10.75 4.19 -5.67
CA ILE A 131 -10.96 2.96 -4.91
C ILE A 131 -12.46 2.73 -4.66
N GLN A 132 -13.18 3.79 -4.26
CA GLN A 132 -14.60 3.66 -4.00
C GLN A 132 -15.38 3.30 -5.25
N GLU A 133 -15.00 3.86 -6.40
CA GLU A 133 -15.75 3.58 -7.63
C GLU A 133 -15.46 2.17 -8.14
N VAL A 134 -14.23 1.68 -7.97
CA VAL A 134 -13.94 0.29 -8.32
C VAL A 134 -14.79 -0.66 -7.50
N VAL A 135 -14.87 -0.43 -6.18
CA VAL A 135 -15.68 -1.27 -5.31
C VAL A 135 -17.14 -1.27 -5.77
N ARG A 136 -17.67 -0.07 -6.06
CA ARG A 136 -19.08 0.04 -6.43
C ARG A 136 -19.39 -0.75 -7.70
N GLU A 137 -18.51 -0.67 -8.71
CA GLU A 137 -18.78 -1.34 -9.97
C GLU A 137 -18.53 -2.84 -9.89
N LEU A 138 -17.66 -3.28 -8.97
CA LEU A 138 -17.44 -4.73 -8.80
C LEU A 138 -18.62 -5.43 -8.16
N LEU A 139 -19.42 -4.72 -7.36
CA LEU A 139 -20.53 -5.38 -6.68
C LEU A 139 -21.50 -6.01 -7.67
N GLY A 140 -21.67 -5.39 -8.85
CA GLY A 140 -22.48 -5.94 -9.91
C GLY A 140 -21.83 -7.04 -10.71
N ARG A 141 -20.56 -7.36 -10.44
CA ARG A 141 -19.86 -8.44 -11.13
C ARG A 141 -19.46 -9.56 -10.18
N GLY A 142 -20.15 -9.70 -9.06
CA GLY A 142 -19.93 -10.81 -8.14
C GLY A 142 -19.48 -10.43 -6.75
N LEU A 143 -18.95 -9.22 -6.55
CA LEU A 143 -18.49 -8.84 -5.22
C LEU A 143 -19.65 -8.80 -4.22
N SER A 144 -20.89 -8.67 -4.69
CA SER A 144 -22.04 -8.67 -3.80
C SER A 144 -22.14 -9.96 -2.99
N GLY A 145 -21.58 -11.06 -3.51
CA GLY A 145 -21.67 -12.33 -2.80
C GLY A 145 -20.41 -12.71 -2.05
N ALA A 146 -19.53 -11.74 -1.81
CA ALA A 146 -18.25 -12.02 -1.19
C ALA A 146 -18.39 -12.26 0.31
N LYS A 147 -17.45 -13.04 0.86
CA LYS A 147 -17.30 -13.30 2.28
C LYS A 147 -16.12 -12.54 2.89
N VAL A 148 -15.06 -12.33 2.13
CA VAL A 148 -13.90 -11.52 2.53
C VAL A 148 -13.44 -10.65 1.35
N LEU A 149 -13.21 -9.36 1.63
CA LEU A 149 -12.55 -8.44 0.70
C LEU A 149 -11.21 -8.04 1.32
N LEU A 150 -10.10 -8.48 0.71
CA LEU A 150 -8.76 -8.12 1.20
C LEU A 150 -8.22 -6.98 0.33
N LEU A 151 -8.04 -5.81 0.93
CA LEU A 151 -7.46 -4.66 0.25
C LEU A 151 -5.96 -4.67 0.53
N ALA A 152 -5.16 -4.98 -0.50
CA ALA A 152 -3.71 -5.08 -0.38
C ALA A 152 -3.05 -4.00 -1.25
N GLY A 153 -1.74 -3.84 -1.07
CA GLY A 153 -1.00 -2.84 -1.84
C GLY A 153 0.47 -2.80 -1.43
N SER A 154 1.29 -2.28 -2.35
CA SER A 154 2.74 -2.21 -2.14
C SER A 154 3.25 -0.78 -2.27
N SER A 155 4.17 -0.40 -1.37
CA SER A 155 4.85 0.91 -1.36
CA SER A 155 4.84 0.91 -1.36
C SER A 155 3.79 1.99 -1.20
N ALA A 156 3.69 2.99 -2.09
CA ALA A 156 2.61 3.97 -1.97
C ALA A 156 1.24 3.28 -1.87
N GLY A 157 1.08 2.12 -2.51
CA GLY A 157 -0.16 1.36 -2.37
C GLY A 157 -0.33 0.76 -0.99
N GLY A 158 0.77 0.41 -0.32
CA GLY A 158 0.68 -0.05 1.06
C GLY A 158 0.21 1.05 2.00
N THR A 159 0.76 2.26 1.85
CA THR A 159 0.25 3.38 2.62
C THR A 159 -1.22 3.65 2.25
N GLY A 160 -1.57 3.45 0.96
CA GLY A 160 -2.94 3.59 0.53
C GLY A 160 -3.91 2.65 1.21
N VAL A 161 -3.46 1.43 1.53
CA VAL A 161 -4.32 0.51 2.27
C VAL A 161 -4.66 1.09 3.64
N LEU A 162 -3.65 1.62 4.33
CA LEU A 162 -3.87 2.19 5.67
C LEU A 162 -4.82 3.38 5.61
N LEU A 163 -4.72 4.20 4.57
CA LEU A 163 -5.57 5.38 4.46
C LEU A 163 -7.02 5.04 4.08
N ASN A 164 -7.26 3.91 3.42
CA ASN A 164 -8.58 3.65 2.81
C ASN A 164 -9.33 2.42 3.31
N VAL A 165 -8.72 1.53 4.10
CA VAL A 165 -9.39 0.25 4.40
C VAL A 165 -10.67 0.48 5.19
N ASP A 166 -10.65 1.40 6.16
CA ASP A 166 -11.88 1.66 6.93
C ASP A 166 -12.92 2.39 6.10
N ARG A 167 -12.51 3.15 5.08
CA ARG A 167 -13.52 3.79 4.25
C ARG A 167 -14.25 2.77 3.38
N VAL A 168 -13.55 1.73 2.92
CA VAL A 168 -14.22 0.68 2.14
C VAL A 168 -15.20 -0.09 3.02
N ALA A 169 -14.80 -0.36 4.27
CA ALA A 169 -15.71 -1.01 5.21
C ALA A 169 -16.96 -0.18 5.42
N GLU A 170 -16.80 1.13 5.65
CA GLU A 170 -17.96 2.01 5.85
C GLU A 170 -18.82 2.11 4.59
N GLN A 171 -18.17 2.15 3.42
CA GLN A 171 -18.93 2.23 2.17
C GLN A 171 -19.81 0.99 1.98
N LEU A 172 -19.27 -0.20 2.27
CA LEU A 172 -20.06 -1.41 2.07
C LEU A 172 -21.18 -1.54 3.11
N GLU A 173 -20.94 -1.10 4.35
CA GLU A 173 -22.02 -1.04 5.33
C GLU A 173 -23.16 -0.16 4.85
N LYS A 174 -22.83 1.05 4.37
CA LYS A 174 -23.86 1.99 3.94
C LYS A 174 -24.58 1.53 2.67
N LEU A 175 -23.91 0.78 1.80
CA LEU A 175 -24.56 0.25 0.61
C LEU A 175 -25.42 -0.98 0.90
N GLY A 176 -25.39 -1.48 2.13
CA GLY A 176 -26.22 -2.60 2.51
C GLY A 176 -25.60 -3.98 2.40
N TYR A 177 -24.28 -4.09 2.51
CA TYR A 177 -23.59 -5.38 2.49
C TYR A 177 -22.79 -5.55 3.79
N PRO A 178 -23.47 -5.73 4.92
CA PRO A 178 -22.76 -5.84 6.20
C PRO A 178 -22.04 -7.18 6.37
N ALA A 179 -22.32 -8.18 5.55
CA ALA A 179 -21.72 -9.50 5.75
C ALA A 179 -20.33 -9.63 5.14
N ILE A 180 -19.90 -8.70 4.30
CA ILE A 180 -18.59 -8.79 3.69
C ILE A 180 -17.56 -8.32 4.72
N GLN A 181 -16.59 -9.18 5.04
CA GLN A 181 -15.54 -8.81 5.99
C GLN A 181 -14.39 -8.12 5.26
N VAL A 182 -14.12 -6.86 5.62
CA VAL A 182 -13.06 -6.07 4.98
C VAL A 182 -11.80 -6.14 5.83
N ARG A 183 -10.65 -6.40 5.19
CA ARG A 183 -9.35 -6.51 5.86
C ARG A 183 -8.30 -5.84 4.98
N GLY A 184 -7.14 -5.55 5.56
CA GLY A 184 -6.08 -4.87 4.83
C GLY A 184 -4.75 -5.57 4.92
N LEU A 185 -3.96 -5.45 3.85
CA LEU A 185 -2.60 -6.01 3.77
C LEU A 185 -1.67 -4.92 3.23
N ALA A 186 -0.87 -4.32 4.11
CA ALA A 186 -0.03 -3.17 3.77
C ALA A 186 1.43 -3.62 3.64
N ASP A 187 1.96 -3.62 2.42
CA ASP A 187 3.31 -4.08 2.09
C ASP A 187 4.21 -2.89 1.77
N SER A 188 5.30 -2.74 2.54
CA SER A 188 6.34 -1.74 2.27
C SER A 188 5.80 -0.31 2.28
N GLY A 189 4.77 -0.05 3.08
CA GLY A 189 4.24 1.30 3.20
C GLY A 189 4.22 1.83 4.62
N TRP A 190 5.09 1.27 5.48
CA TRP A 190 5.19 1.61 6.91
C TRP A 190 6.48 2.42 7.13
N PHE A 191 6.40 3.74 6.96
CA PHE A 191 7.55 4.63 6.99
C PHE A 191 7.67 5.36 8.32
N LEU A 192 8.90 5.77 8.66
CA LEU A 192 9.18 6.52 9.88
C LEU A 192 9.58 7.95 9.50
N ASP A 193 9.02 8.93 10.22
CA ASP A 193 9.48 10.31 10.13
C ASP A 193 10.62 10.54 11.13
N ASN A 194 11.70 9.79 10.91
CA ASN A 194 12.84 9.78 11.83
C ASN A 194 13.85 10.86 11.48
N LYS A 195 14.84 11.04 12.36
CA LYS A 195 15.97 11.88 12.05
C LYS A 195 16.75 11.30 10.87
N GLN A 196 17.03 12.13 9.89
CA GLN A 196 17.75 11.72 8.69
C GLN A 196 19.26 11.70 8.93
N TYR A 197 19.97 10.93 8.07
CA TYR A 197 21.41 10.79 8.21
C TYR A 197 22.16 12.04 7.74
N ARG A 198 21.61 12.74 6.74
CA ARG A 198 22.06 14.06 6.29
C ARG A 198 20.81 14.90 6.08
N HIS A 199 20.95 16.24 6.13
CA HIS A 199 19.77 17.10 6.24
C HIS A 199 19.82 18.29 5.29
N THR A 200 18.67 18.64 4.71
CA THR A 200 18.49 19.80 3.84
C THR A 200 17.10 20.40 4.04
N ASP A 201 17.01 21.72 4.01
CA ASP A 201 15.71 22.37 4.10
C ASP A 201 14.94 22.21 2.77
N CYS A 202 13.61 22.27 2.87
CA CYS A 202 12.73 21.93 1.75
C CYS A 202 12.65 23.10 0.79
N VAL A 203 13.47 23.06 -0.27
CA VAL A 203 13.47 24.10 -1.29
C VAL A 203 13.10 23.55 -2.67
N ASP A 204 13.33 22.27 -2.94
CA ASP A 204 12.84 21.63 -4.15
C ASP A 204 12.49 20.18 -3.84
N THR A 205 12.26 19.38 -4.89
CA THR A 205 11.78 18.02 -4.72
C THR A 205 12.79 17.16 -3.95
N ILE A 206 14.06 17.20 -4.36
CA ILE A 206 15.07 16.30 -3.79
C ILE A 206 15.32 16.62 -2.33
N THR A 207 15.32 17.90 -1.97
CA THR A 207 15.71 18.31 -0.62
C THR A 207 14.58 18.24 0.39
N CYS A 208 13.34 17.98 -0.03
CA CYS A 208 12.18 18.26 0.80
C CYS A 208 11.82 16.95 1.54
N ALA A 209 11.94 16.97 2.87
CA ALA A 209 11.74 15.76 3.65
C ALA A 209 10.30 15.26 3.52
N PRO A 210 10.09 13.95 3.66
CA PRO A 210 8.72 13.40 3.48
C PRO A 210 7.63 14.14 4.23
N THR A 211 7.86 14.56 5.48
CA THR A 211 6.78 15.25 6.19
C THR A 211 6.41 16.55 5.47
N GLU A 212 7.40 17.31 5.01
CA GLU A 212 7.12 18.58 4.36
C GLU A 212 6.49 18.38 2.98
N ALA A 213 6.95 17.36 2.24
CA ALA A 213 6.39 17.06 0.93
C ALA A 213 4.94 16.60 1.03
N ILE A 214 4.64 15.74 2.00
CA ILE A 214 3.28 15.25 2.17
C ILE A 214 2.36 16.38 2.63
N ARG A 215 2.85 17.26 3.51
CA ARG A 215 2.03 18.39 3.95
C ARG A 215 1.62 19.26 2.75
N ARG A 216 2.56 19.56 1.86
CA ARG A 216 2.23 20.31 0.66
C ARG A 216 1.32 19.51 -0.28
N GLY A 217 1.61 18.21 -0.44
CA GLY A 217 0.79 17.38 -1.31
C GLY A 217 -0.68 17.36 -0.91
N ILE A 218 -0.95 17.25 0.40
CA ILE A 218 -2.34 17.18 0.85
C ILE A 218 -3.12 18.40 0.39
N ARG A 219 -2.50 19.59 0.45
CA ARG A 219 -3.18 20.79 0.00
C ARG A 219 -3.37 20.78 -1.50
N TYR A 220 -2.37 20.31 -2.24
CA TYR A 220 -2.41 20.29 -3.70
C TYR A 220 -3.42 19.26 -4.21
N TRP A 221 -3.61 18.17 -3.46
CA TRP A 221 -4.45 17.05 -3.89
C TRP A 221 -5.88 17.16 -3.38
N ASN A 222 -6.14 18.02 -2.40
CA ASN A 222 -7.31 17.87 -1.53
C ASN A 222 -7.33 16.48 -0.91
N GLY A 223 -6.23 16.12 -0.26
CA GLY A 223 -6.10 14.77 0.28
C GLY A 223 -6.98 14.54 1.49
N VAL A 224 -7.41 13.28 1.67
CA VAL A 224 -8.27 12.89 2.78
C VAL A 224 -7.63 11.75 3.55
N VAL A 225 -7.86 11.74 4.87
CA VAL A 225 -7.31 10.74 5.78
C VAL A 225 -8.44 10.10 6.58
N PRO A 226 -8.21 8.96 7.26
CA PRO A 226 -9.28 8.34 8.05
C PRO A 226 -9.78 9.27 9.15
N GLU A 227 -11.09 9.22 9.40
CA GLU A 227 -11.74 10.20 10.27
C GLU A 227 -11.19 10.18 11.69
N ARG A 228 -10.97 9.00 12.28
CA ARG A 228 -10.52 8.97 13.67
C ARG A 228 -9.11 9.54 13.81
N CYS A 229 -8.25 9.30 12.82
CA CYS A 229 -6.91 9.89 12.81
C CYS A 229 -6.99 11.41 12.61
N ARG A 230 -7.82 11.87 11.67
CA ARG A 230 -8.04 13.29 11.48
C ARG A 230 -8.46 13.98 12.77
N ARG A 231 -9.33 13.32 13.55
CA ARG A 231 -9.83 13.92 14.78
C ARG A 231 -8.73 14.04 15.83
N GLN A 232 -7.75 13.14 15.82
CA GLN A 232 -6.64 13.23 16.78
C GLN A 232 -5.70 14.37 16.44
N PHE A 233 -5.26 14.45 15.19
CA PHE A 233 -4.20 15.39 14.82
C PHE A 233 -4.73 16.75 14.41
N GLN A 234 -5.97 16.79 13.91
CA GLN A 234 -6.72 18.01 13.60
C GLN A 234 -6.10 18.81 12.47
N GLU A 235 -6.70 19.93 12.15
CA GLU A 235 -6.49 20.52 10.84
C GLU A 235 -5.10 21.16 10.78
N GLY A 236 -4.47 21.04 9.61
CA GLY A 236 -3.09 21.41 9.42
C GLY A 236 -2.10 20.31 9.72
N GLU A 237 -2.49 19.27 10.45
CA GLU A 237 -1.58 18.23 10.86
C GLU A 237 -1.95 16.85 10.31
N GLU A 238 -2.76 16.80 9.25
CA GLU A 238 -3.19 15.52 8.69
C GLU A 238 -2.05 14.72 8.06
N TRP A 239 -0.92 15.36 7.74
CA TRP A 239 0.24 14.61 7.23
C TRP A 239 0.67 13.50 8.19
N ASN A 240 0.36 13.62 9.48
CA ASN A 240 0.72 12.59 10.45
C ASN A 240 0.10 11.24 10.11
N CYS A 241 -1.10 11.25 9.52
CA CYS A 241 -1.85 10.04 9.22
C CYS A 241 -1.30 9.25 8.05
N PHE A 242 -0.32 9.78 7.32
CA PHE A 242 0.38 9.02 6.29
C PHE A 242 1.49 8.13 6.86
N PHE A 243 1.72 8.18 8.17
CA PHE A 243 2.79 7.40 8.78
C PHE A 243 2.19 6.23 9.57
N GLY A 244 2.56 5.01 9.17
CA GLY A 244 1.86 3.82 9.64
C GLY A 244 1.69 3.72 11.15
N TYR A 245 2.77 3.94 11.91
CA TYR A 245 2.67 3.74 13.36
C TYR A 245 1.73 4.74 14.04
N LYS A 246 1.36 5.84 13.34
CA LYS A 246 0.42 6.82 13.90
C LYS A 246 -1.03 6.58 13.45
N VAL A 247 -1.24 6.07 12.23
CA VAL A 247 -2.61 5.86 11.75
C VAL A 247 -3.15 4.48 12.12
N TYR A 248 -2.30 3.46 12.18
CA TYR A 248 -2.74 2.10 12.48
C TYR A 248 -3.54 1.98 13.79
N PRO A 249 -3.15 2.61 14.91
CA PRO A 249 -3.95 2.47 16.14
C PRO A 249 -5.36 3.03 16.03
N THR A 250 -5.64 3.87 15.02
CA THR A 250 -6.96 4.44 14.86
C THR A 250 -7.89 3.59 13.98
N LEU A 251 -7.39 2.51 13.39
CA LEU A 251 -8.16 1.72 12.44
C LEU A 251 -8.93 0.61 13.13
N ARG A 252 -10.10 0.30 12.58
CA ARG A 252 -10.94 -0.77 13.13
C ARG A 252 -10.87 -2.08 12.34
N SER A 253 -10.59 -2.02 11.03
CA SER A 253 -10.48 -3.23 10.24
C SER A 253 -9.17 -3.96 10.56
N PRO A 254 -9.17 -5.30 10.50
CA PRO A 254 -7.91 -6.04 10.71
C PRO A 254 -6.91 -5.72 9.60
N VAL A 255 -5.66 -5.43 9.99
CA VAL A 255 -4.61 -5.06 9.04
C VAL A 255 -3.34 -5.86 9.33
N PHE A 256 -2.83 -6.55 8.31
CA PHE A 256 -1.55 -7.27 8.36
C PHE A 256 -0.47 -6.40 7.72
N VAL A 257 0.66 -6.23 8.42
CA VAL A 257 1.71 -5.28 8.04
C VAL A 257 2.96 -6.06 7.62
N VAL A 258 3.40 -5.85 6.38
CA VAL A 258 4.66 -6.41 5.88
C VAL A 258 5.65 -5.27 5.69
N GLN A 259 6.84 -5.38 6.28
CA GLN A 259 7.82 -4.29 6.18
C GLN A 259 9.23 -4.83 6.37
N TRP A 260 10.09 -4.67 5.36
CA TRP A 260 11.51 -4.90 5.58
C TRP A 260 12.03 -3.96 6.66
N LEU A 261 12.89 -4.47 7.55
CA LEU A 261 13.42 -3.61 8.61
C LEU A 261 14.37 -2.55 8.07
N PHE A 262 15.03 -2.83 6.94
CA PHE A 262 15.93 -1.85 6.33
C PHE A 262 15.43 -1.53 4.92
N ASP A 263 14.24 -0.95 4.83
CA ASP A 263 13.59 -0.71 3.55
C ASP A 263 14.38 0.31 2.72
N GLU A 264 14.55 0.00 1.43
CA GLU A 264 15.38 0.84 0.56
C GLU A 264 14.78 2.22 0.35
N ALA A 265 13.44 2.33 0.29
CA ALA A 265 12.85 3.65 0.12
C ALA A 265 13.00 4.48 1.39
N GLN A 266 12.90 3.84 2.56
CA GLN A 266 13.16 4.53 3.81
C GLN A 266 14.60 5.07 3.87
N LEU A 267 15.58 4.22 3.52
CA LEU A 267 16.97 4.68 3.52
C LEU A 267 17.18 5.81 2.51
N THR A 268 16.53 5.74 1.35
CA THR A 268 16.66 6.82 0.37
C THR A 268 16.18 8.15 0.94
N VAL A 269 14.97 8.19 1.51
CA VAL A 269 14.49 9.43 2.10
C VAL A 269 15.25 9.82 3.35
N ASP A 270 16.06 8.92 3.91
CA ASP A 270 16.98 9.26 4.99
C ASP A 270 18.34 9.72 4.48
N ASN A 271 18.50 9.81 3.15
CA ASN A 271 19.75 10.27 2.51
C ASN A 271 20.92 9.31 2.78
N VAL A 272 20.63 8.00 2.75
CA VAL A 272 21.62 6.93 2.89
C VAL A 272 21.70 6.19 1.56
N HIS A 273 22.93 6.02 1.06
CA HIS A 273 23.16 5.26 -0.17
C HIS A 273 24.32 4.28 -0.02
N VAL A 279 31.43 0.62 5.53
CA VAL A 279 30.54 1.42 6.37
C VAL A 279 31.27 1.80 7.65
N GLN A 280 31.34 3.10 7.94
CA GLN A 280 32.04 3.57 9.13
C GLN A 280 31.08 3.65 10.32
N GLU A 281 31.64 3.99 11.48
CA GLU A 281 30.91 3.84 12.75
C GLU A 281 29.61 4.64 12.76
N GLY A 282 29.65 5.90 12.31
CA GLY A 282 28.45 6.73 12.38
C GLY A 282 27.30 6.14 11.60
N LEU A 283 27.57 5.68 10.37
CA LEU A 283 26.54 5.08 9.55
C LEU A 283 26.11 3.70 10.07
N ARG A 284 27.04 2.94 10.67
CA ARG A 284 26.66 1.66 11.25
C ARG A 284 25.66 1.86 12.38
N LEU A 285 25.95 2.79 13.29
CA LEU A 285 25.03 3.09 14.38
C LEU A 285 23.68 3.58 13.84
N TYR A 286 23.71 4.44 12.80
CA TYR A 286 22.46 4.93 12.22
C TYR A 286 21.59 3.77 11.69
N ILE A 287 22.19 2.89 10.91
CA ILE A 287 21.45 1.77 10.33
C ILE A 287 20.94 0.82 11.40
N GLN A 288 21.75 0.55 12.43
CA GLN A 288 21.29 -0.36 13.48
C GLN A 288 20.14 0.25 14.26
N ASN A 289 20.17 1.58 14.49
CA ASN A 289 19.10 2.23 15.21
C ASN A 289 17.82 2.30 14.40
N LEU A 290 17.91 2.43 13.07
CA LEU A 290 16.71 2.36 12.23
C LEU A 290 16.01 1.02 12.39
N GLY A 291 16.78 -0.08 12.34
CA GLY A 291 16.18 -1.40 12.52
C GLY A 291 15.49 -1.54 13.86
N ARG A 292 16.12 -1.04 14.93
CA ARG A 292 15.54 -1.11 16.26
C ARG A 292 14.27 -0.28 16.36
N GLU A 293 14.27 0.93 15.78
CA GLU A 293 13.07 1.76 15.83
C GLU A 293 11.90 1.10 15.10
N LEU A 294 12.16 0.52 13.91
N LEU A 294 12.16 0.48 13.93
CA LEU A 294 11.12 -0.18 13.17
CA LEU A 294 11.05 -0.14 13.22
C LEU A 294 10.53 -1.31 14.01
C LEU A 294 10.53 -1.36 13.96
N ARG A 295 11.40 -2.16 14.56
CA ARG A 295 10.92 -3.25 15.42
C ARG A 295 10.08 -2.72 16.56
N HIS A 296 10.49 -1.60 17.16
CA HIS A 296 9.73 -1.03 18.26
C HIS A 296 8.31 -0.65 17.83
N THR A 297 8.16 -0.05 16.65
CA THR A 297 6.83 0.36 16.22
C THR A 297 5.92 -0.82 15.92
N LEU A 298 6.48 -2.01 15.70
CA LEU A 298 5.67 -3.20 15.38
C LEU A 298 5.38 -4.07 16.61
N LYS A 299 5.85 -3.68 17.79
CA LYS A 299 5.73 -4.53 18.97
C LYS A 299 4.27 -4.84 19.29
N ASP A 300 3.38 -3.87 19.10
CA ASP A 300 1.95 -4.06 19.39
C ASP A 300 1.11 -4.20 18.12
N VAL A 301 1.71 -4.73 17.06
CA VAL A 301 1.00 -5.08 15.82
C VAL A 301 0.90 -6.60 15.75
N PRO A 302 -0.23 -7.21 16.11
CA PRO A 302 -0.25 -8.68 16.27
C PRO A 302 -0.06 -9.45 14.96
N ALA A 303 -0.41 -8.89 13.80
CA ALA A 303 -0.26 -9.55 12.51
C ALA A 303 0.76 -8.79 11.68
N SER A 304 1.99 -9.32 11.58
CA SER A 304 3.06 -8.59 10.93
C SER A 304 4.16 -9.56 10.49
N PHE A 305 4.92 -9.12 9.48
CA PHE A 305 6.02 -9.90 8.88
C PHE A 305 7.12 -8.91 8.54
N ALA A 306 8.23 -8.94 9.28
CA ALA A 306 9.28 -7.91 9.18
C ALA A 306 10.68 -8.51 9.19
N PRO A 307 11.18 -8.94 8.03
CA PRO A 307 12.51 -9.55 7.95
C PRO A 307 13.63 -8.52 7.93
N ALA A 308 14.79 -8.95 8.43
CA ALA A 308 15.96 -8.07 8.54
C ALA A 308 16.77 -8.08 7.23
N CYS A 309 16.22 -7.40 6.22
CA CYS A 309 16.79 -7.31 4.89
C CYS A 309 16.75 -5.88 4.36
N LEU A 310 17.74 -5.58 3.51
CA LEU A 310 17.77 -4.41 2.62
C LEU A 310 17.07 -4.75 1.30
N SER A 311 15.84 -4.26 1.12
CA SER A 311 15.00 -4.57 -0.05
C SER A 311 13.83 -3.59 -0.10
N HIS A 312 12.92 -3.79 -1.07
CA HIS A 312 11.72 -2.97 -1.17
C HIS A 312 10.63 -3.70 -1.96
N GLU A 313 9.42 -3.77 -1.37
CA GLU A 313 8.24 -4.52 -1.83
C GLU A 313 8.45 -6.03 -1.76
N ILE A 314 7.34 -6.80 -1.75
CA ILE A 314 7.41 -8.26 -1.70
C ILE A 314 6.23 -8.98 -2.38
N ILE A 315 5.00 -8.50 -2.19
CA ILE A 315 3.90 -9.45 -2.34
C ILE A 315 3.54 -9.77 -3.80
N ILE A 316 3.89 -8.95 -4.80
CA ILE A 316 3.58 -9.38 -6.17
C ILE A 316 4.82 -9.87 -6.93
N ARG A 317 5.93 -10.10 -6.24
CA ARG A 317 7.09 -10.73 -6.85
C ARG A 317 6.87 -12.24 -6.98
N SER A 318 7.37 -12.83 -8.07
CA SER A 318 7.09 -14.23 -8.35
C SER A 318 7.70 -15.16 -7.30
N HIS A 319 8.84 -14.80 -6.72
CA HIS A 319 9.48 -15.60 -5.69
C HIS A 319 9.22 -15.07 -4.29
N TRP A 320 8.04 -14.48 -4.07
CA TRP A 320 7.68 -13.97 -2.75
C TRP A 320 7.61 -15.06 -1.68
N THR A 321 7.52 -16.34 -2.06
CA THR A 321 7.40 -17.41 -1.08
C THR A 321 8.72 -17.79 -0.42
N ASP A 322 9.85 -17.23 -0.88
CA ASP A 322 11.16 -17.74 -0.48
C ASP A 322 11.60 -17.25 0.91
N VAL A 323 11.30 -16.00 1.26
N VAL A 323 11.25 -16.01 1.27
CA VAL A 323 11.82 -15.45 2.50
CA VAL A 323 11.73 -15.41 2.50
C VAL A 323 11.07 -16.04 3.69
C VAL A 323 11.03 -16.04 3.70
N GLN A 324 11.79 -16.28 4.78
CA GLN A 324 11.21 -16.83 6.02
C GLN A 324 11.70 -16.05 7.23
N VAL A 325 10.82 -15.89 8.22
CA VAL A 325 11.18 -15.37 9.54
C VAL A 325 10.90 -16.46 10.55
N LYS A 326 11.93 -16.85 11.33
CA LYS A 326 11.81 -17.92 12.32
C LYS A 326 11.28 -19.21 11.68
N GLY A 327 11.64 -19.45 10.43
CA GLY A 327 11.20 -20.64 9.73
C GLY A 327 9.81 -20.58 9.13
N THR A 328 9.17 -19.42 9.09
CA THR A 328 7.80 -19.27 8.58
C THR A 328 7.81 -18.32 7.40
N SER A 329 7.23 -18.76 6.28
CA SER A 329 7.12 -17.93 5.08
C SER A 329 5.95 -16.95 5.19
N LEU A 330 5.95 -15.94 4.30
CA LEU A 330 4.83 -15.00 4.29
C LEU A 330 3.52 -15.65 3.85
N PRO A 331 3.45 -16.46 2.79
CA PRO A 331 2.17 -17.15 2.51
C PRO A 331 1.64 -17.94 3.70
N ARG A 332 2.53 -18.56 4.49
CA ARG A 332 2.07 -19.30 5.66
C ARG A 332 1.49 -18.37 6.72
N ALA A 333 2.20 -17.26 7.01
CA ALA A 333 1.73 -16.32 8.02
C ALA A 333 0.37 -15.75 7.65
N LEU A 334 0.15 -15.45 6.36
CA LEU A 334 -1.16 -14.96 5.92
C LEU A 334 -2.25 -16.01 6.09
N HIS A 335 -1.94 -17.28 5.79
CA HIS A 335 -2.88 -18.38 6.04
C HIS A 335 -3.21 -18.49 7.53
N CYS A 336 -2.20 -18.34 8.40
CA CYS A 336 -2.45 -18.37 9.84
C CYS A 336 -3.32 -17.20 10.29
N TRP A 337 -3.11 -16.03 9.67
CA TRP A 337 -3.97 -14.88 9.91
C TRP A 337 -5.41 -15.21 9.56
N ASP A 338 -5.64 -15.78 8.37
CA ASP A 338 -6.98 -16.25 8.00
C ASP A 338 -7.59 -17.12 9.09
N ARG A 339 -6.82 -18.09 9.61
CA ARG A 339 -7.34 -19.00 10.62
C ARG A 339 -7.71 -18.25 11.89
N SER A 340 -6.85 -17.31 12.30
CA SER A 340 -7.08 -16.55 13.53
C SER A 340 -8.32 -15.66 13.44
N LEU A 341 -8.78 -15.33 12.24
CA LEU A 341 -9.97 -14.50 12.08
C LEU A 341 -11.24 -15.33 11.88
N HIS A 342 -11.16 -16.66 11.98
CA HIS A 342 -12.37 -17.48 12.11
C HIS A 342 -13.17 -17.05 13.33
N PRO A 351 -4.15 -17.83 20.13
CA PRO A 351 -3.00 -18.13 19.27
C PRO A 351 -2.94 -19.62 18.92
N LEU A 352 -2.36 -19.92 17.75
CA LEU A 352 -2.49 -21.21 17.11
C LEU A 352 -1.17 -21.97 17.20
N LYS A 353 -1.25 -23.25 17.55
CA LYS A 353 -0.10 -24.14 17.66
C LYS A 353 0.68 -24.20 16.35
N GLY A 354 1.90 -23.67 16.36
CA GLY A 354 2.75 -23.78 15.19
C GLY A 354 2.30 -23.03 13.96
N CYS A 355 1.40 -22.05 14.09
CA CYS A 355 0.94 -21.31 12.93
C CYS A 355 0.90 -19.85 13.37
N PRO A 356 2.05 -19.17 13.37
CA PRO A 356 2.17 -17.83 13.95
C PRO A 356 1.79 -16.72 12.98
N VAL A 357 1.43 -15.57 13.56
CA VAL A 357 1.04 -14.40 12.79
C VAL A 357 1.90 -13.18 13.08
N HIS A 358 2.66 -13.15 14.17
CA HIS A 358 3.58 -12.05 14.50
C HIS A 358 5.02 -12.51 14.31
N LEU A 359 5.67 -12.03 13.24
CA LEU A 359 6.99 -12.53 12.82
C LEU A 359 7.91 -11.35 12.53
N VAL A 360 8.74 -10.97 13.52
CA VAL A 360 9.65 -9.84 13.44
C VAL A 360 11.06 -10.31 13.79
N ASP A 361 12.01 -10.20 12.84
CA ASP A 361 13.42 -10.46 13.18
C ASP A 361 13.95 -9.55 14.28
N SER A 362 14.86 -10.13 15.07
CA SER A 362 15.59 -9.42 16.11
C SER A 362 17.07 -9.23 15.80
N CYS A 363 17.61 -9.85 14.74
CA CYS A 363 19.02 -9.62 14.50
C CYS A 363 19.23 -8.23 13.87
N PRO A 364 20.40 -7.62 14.07
CA PRO A 364 20.49 -6.15 13.95
C PRO A 364 21.06 -5.59 12.65
N TRP A 365 21.37 -6.41 11.64
CA TRP A 365 22.05 -5.92 10.42
C TRP A 365 21.45 -6.52 9.15
N PRO A 366 21.39 -5.74 8.04
CA PRO A 366 20.86 -6.30 6.78
C PRO A 366 21.49 -7.64 6.39
N HIS A 367 20.60 -8.61 6.22
CA HIS A 367 20.80 -9.89 5.58
C HIS A 367 21.40 -10.81 6.66
N CYS A 368 21.21 -10.44 7.94
CA CYS A 368 21.45 -11.37 9.05
C CYS A 368 20.44 -12.51 9.06
N ASN A 369 19.35 -12.37 8.31
CA ASN A 369 18.45 -13.47 7.97
C ASN A 369 18.94 -14.11 6.68
N PRO A 370 19.33 -15.39 6.69
CA PRO A 370 19.88 -15.99 5.47
C PRO A 370 18.91 -16.06 4.30
N SER A 371 17.60 -15.91 4.53
CA SER A 371 16.62 -16.07 3.45
C SER A 371 16.30 -14.76 2.72
N CYS A 372 17.03 -13.68 3.02
CA CYS A 372 16.79 -12.40 2.35
C CYS A 372 16.96 -12.52 0.83
N PRO A 373 16.23 -11.72 0.06
CA PRO A 373 16.36 -11.79 -1.41
C PRO A 373 17.77 -11.42 -1.85
N THR A 374 18.21 -12.04 -2.94
CA THR A 374 19.56 -11.87 -3.44
C THR A 374 19.65 -10.69 -4.40
S SO4 B . 5.62 5.76 -19.76
O1 SO4 B . 4.91 5.28 -18.58
O2 SO4 B . 4.68 5.76 -20.88
O3 SO4 B . 6.12 7.13 -19.57
O4 SO4 B . 6.74 4.86 -20.09
C1 NAG C . -19.48 9.37 -10.52
C2 NAG C . -20.87 9.43 -9.91
C3 NAG C . -21.06 10.75 -9.15
C4 NAG C . -19.93 10.97 -8.16
C5 NAG C . -18.57 10.82 -8.85
C6 NAG C . -17.41 10.87 -7.88
C7 NAG C . -22.71 8.23 -11.00
C8 NAG C . -23.71 8.23 -12.12
N2 NAG C . -21.90 9.28 -10.93
O3 NAG C . -22.30 10.70 -8.46
O4 NAG C . -20.03 12.28 -7.60
O5 NAG C . -18.50 9.55 -9.50
O6 NAG C . -17.56 9.92 -6.84
O7 NAG C . -22.64 7.30 -10.20
S SO4 D . -1.70 23.84 -11.08
O1 SO4 D . -1.19 22.49 -11.24
O2 SO4 D . -3.14 23.83 -11.29
O3 SO4 D . -1.39 24.32 -9.73
O4 SO4 D . -1.06 24.72 -12.06
C1 EDO E . -27.83 -4.22 -1.32
O1 EDO E . -29.10 -4.08 -0.68
C2 EDO E . -27.74 -3.19 -2.44
O2 EDO E . -28.86 -3.36 -3.32
C1 EDO F . -7.30 -3.12 13.78
O1 EDO F . -8.01 -4.14 14.47
C2 EDO F . -5.82 -3.46 13.68
O2 EDO F . -5.64 -4.70 12.98
C1 EDO G . 11.14 13.37 7.95
O1 EDO G . 10.26 13.03 6.88
C2 EDO G . 12.13 12.24 8.12
O2 EDO G . 11.99 11.26 7.09
C01 JGA H . 12.09 7.77 -3.38
C02 JGA H . 11.54 7.02 -2.21
N03 JGA H . 10.18 6.58 -2.43
C04 JGA H . 9.16 6.98 -1.68
O05 JGA H . 9.28 7.79 -0.77
N06 JGA H . 7.94 6.41 -2.00
C07 JGA H . 6.74 6.57 -1.35
C08 JGA H . 6.50 7.21 -0.15
C09 JGA H . 5.20 7.14 0.13
O10 JGA H . 4.59 6.50 -0.91
N11 JGA H . 5.61 6.12 -1.85
C12 JGA H . 4.31 7.59 1.23
#